data_5M2Y
#
_entry.id   5M2Y
#
_cell.length_a   63.770
_cell.length_b   63.770
_cell.length_c   63.110
_cell.angle_alpha   90.00
_cell.angle_beta   90.00
_cell.angle_gamma   120.00
#
_symmetry.space_group_name_H-M   'P 32'
#
loop_
_entity.id
_entity.type
_entity.pdbx_description
1 polymer 'TssK C'
2 water water
#
_entity_poly.entity_id   1
_entity_poly.type   'polypeptide(L)'
_entity_poly.pdbx_seq_one_letter_code
;SRVVFIELKQKGVMWEGALHDARLREGADFWLSVRSSMPGHELQTKFPQLCKAGSPDDVSEVVNVALSGVIIRPVTHVPA
AIPLRLENQYFALDLSTDAARAMLDAGRCTFYTPASLGDVKLELFAVLRT
;
_entity_poly.pdbx_strand_id   A,B
#
# COMPACT_ATOMS: atom_id res chain seq x y z
N SER A 1 -9.93 -4.27 -11.52
CA SER A 1 -9.18 -3.80 -12.67
C SER A 1 -7.74 -3.46 -12.30
N ARG A 2 -6.99 -2.84 -13.20
CA ARG A 2 -5.64 -2.48 -12.82
C ARG A 2 -5.63 -1.19 -12.04
N VAL A 3 -4.74 -1.20 -11.07
CA VAL A 3 -4.48 -0.14 -10.10
C VAL A 3 -3.12 0.47 -10.33
N VAL A 4 -3.11 1.80 -10.37
CA VAL A 4 -1.93 2.61 -10.58
C VAL A 4 -1.72 3.39 -9.29
N PHE A 5 -0.60 3.11 -8.60
CA PHE A 5 -0.22 3.81 -7.39
C PHE A 5 0.46 5.10 -7.85
N ILE A 6 -0.01 6.26 -7.34
CA ILE A 6 0.55 7.56 -7.67
C ILE A 6 1.32 8.03 -6.47
N GLU A 7 2.65 8.12 -6.62
CA GLU A 7 3.53 8.58 -5.57
C GLU A 7 3.20 10.02 -5.20
N LEU A 8 3.00 10.28 -3.92
CA LEU A 8 2.72 11.63 -3.42
C LEU A 8 3.95 12.10 -2.67
N LYS A 9 4.44 13.27 -3.02
CA LYS A 9 5.58 13.90 -2.37
C LYS A 9 5.02 14.93 -1.39
N GLN A 10 5.29 14.76 -0.09
CA GLN A 10 4.85 15.70 0.93
C GLN A 10 5.89 16.83 1.08
N LYS A 11 5.38 18.07 1.10
CA LYS A 11 6.13 19.29 1.31
C LYS A 11 5.32 20.09 2.31
N GLY A 12 5.52 19.78 3.59
CA GLY A 12 4.80 20.38 4.70
C GLY A 12 3.35 19.94 4.70
N VAL A 13 2.45 20.89 4.47
CA VAL A 13 1.01 20.68 4.38
C VAL A 13 0.53 20.25 2.98
N MET A 14 1.40 20.33 1.97
CA MET A 14 1.03 19.97 0.60
C MET A 14 1.54 18.61 0.16
N TRP A 15 0.71 17.88 -0.59
CA TRP A 15 1.05 16.58 -1.15
C TRP A 15 0.92 16.71 -2.65
N GLU A 16 1.95 16.34 -3.40
CA GLU A 16 1.90 16.47 -4.86
C GLU A 16 2.18 15.14 -5.54
N GLY A 17 1.36 14.82 -6.53
CA GLY A 17 1.47 13.61 -7.33
C GLY A 17 1.59 13.92 -8.81
N ALA A 18 2.45 13.17 -9.52
CA ALA A 18 2.63 13.34 -10.97
C ALA A 18 1.64 12.43 -11.69
N LEU A 19 0.94 13.00 -12.67
CA LEU A 19 -0.06 12.25 -13.43
C LEU A 19 0.36 12.09 -14.90
N HIS A 20 1.61 11.63 -15.14
CA HIS A 20 2.06 11.52 -16.52
C HIS A 20 1.84 10.14 -17.13
N ASP A 21 1.33 9.16 -16.34
CA ASP A 21 1.05 7.83 -16.87
C ASP A 21 -0.04 7.97 -17.93
N ALA A 22 0.30 7.61 -19.18
CA ALA A 22 -0.58 7.68 -20.35
C ALA A 22 -1.93 6.98 -20.19
N ARG A 23 -1.98 5.92 -19.35
CA ARG A 23 -3.20 5.14 -19.08
C ARG A 23 -4.30 5.93 -18.36
N LEU A 24 -3.94 6.97 -17.61
CA LEU A 24 -4.86 7.84 -16.85
C LEU A 24 -5.83 8.63 -17.73
N ARG A 25 -5.44 9.00 -18.96
CA ARG A 25 -6.32 9.73 -19.86
C ARG A 25 -7.37 8.85 -20.55
N GLU A 26 -7.22 7.51 -20.43
CA GLU A 26 -8.14 6.55 -21.03
C GLU A 26 -9.33 6.16 -20.14
N GLY A 27 -9.41 6.78 -18.97
CA GLY A 27 -10.47 6.50 -18.02
C GLY A 27 -9.93 5.93 -16.73
N ALA A 28 -9.89 6.79 -15.70
CA ALA A 28 -9.47 6.43 -14.35
C ALA A 28 -10.23 7.19 -13.29
N ASP A 29 -10.46 6.52 -12.17
CA ASP A 29 -11.10 7.06 -10.98
C ASP A 29 -10.07 6.99 -9.88
N PHE A 30 -10.05 7.99 -9.02
CA PHE A 30 -9.03 8.12 -7.97
C PHE A 30 -9.55 7.94 -6.56
N TRP A 31 -8.68 7.40 -5.69
CA TRP A 31 -8.95 7.19 -4.28
C TRP A 31 -7.76 7.58 -3.45
N LEU A 32 -8.05 8.11 -2.27
CA LEU A 32 -7.05 8.44 -1.27
C LEU A 32 -7.13 7.43 -0.12
N SER A 33 -5.97 6.97 0.33
CA SER A 33 -5.85 6.09 1.50
C SER A 33 -5.16 6.95 2.55
N VAL A 34 -5.80 7.11 3.72
CA VAL A 34 -5.34 8.04 4.74
C VAL A 34 -5.12 7.37 6.10
N ARG A 35 -3.98 7.66 6.70
CA ARG A 35 -3.66 7.24 8.06
C ARG A 35 -3.32 8.49 8.82
N SER A 36 -3.74 8.51 10.07
CA SER A 36 -3.53 9.66 10.91
C SER A 36 -3.51 9.31 12.39
N SER A 37 -2.98 10.22 13.22
CA SER A 37 -2.98 10.08 14.68
C SER A 37 -4.39 10.42 15.22
N MET A 38 -5.24 11.01 14.36
CA MET A 38 -6.63 11.36 14.64
C MET A 38 -7.46 10.08 14.70
N PRO A 39 -8.40 9.94 15.65
CA PRO A 39 -9.23 8.73 15.70
C PRO A 39 -9.93 8.46 14.35
N GLY A 40 -9.97 7.19 13.94
CA GLY A 40 -10.56 6.75 12.68
C GLY A 40 -11.93 7.31 12.31
N HIS A 41 -12.88 7.29 13.27
CA HIS A 41 -14.24 7.78 13.02
C HIS A 41 -14.24 9.31 12.80
N GLU A 42 -13.31 10.02 13.48
CA GLU A 42 -13.18 11.47 13.38
C GLU A 42 -12.55 11.84 12.04
N LEU A 43 -11.54 11.05 11.60
CA LEU A 43 -10.88 11.27 10.32
C LEU A 43 -11.89 11.08 9.18
N GLN A 44 -12.76 10.05 9.28
CA GLN A 44 -13.78 9.76 8.27
C GLN A 44 -14.74 10.92 8.09
N THR A 45 -15.17 11.48 9.22
CA THR A 45 -16.10 12.59 9.35
C THR A 45 -15.51 13.92 8.83
N LYS A 46 -14.28 14.26 9.25
CA LYS A 46 -13.60 15.55 9.04
C LYS A 46 -12.70 15.66 7.80
N PHE A 47 -11.99 14.57 7.43
CA PHE A 47 -11.10 14.59 6.26
C PHE A 47 -11.76 15.15 4.99
N PRO A 48 -13.02 14.80 4.60
CA PRO A 48 -13.61 15.38 3.38
C PRO A 48 -13.76 16.92 3.39
N GLN A 49 -13.79 17.52 4.59
CA GLN A 49 -13.89 18.98 4.76
C GLN A 49 -12.55 19.64 5.03
N LEU A 50 -11.59 18.90 5.58
CA LEU A 50 -10.26 19.43 5.89
C LEU A 50 -9.31 19.36 4.71
N CYS A 51 -9.32 18.24 3.97
CA CYS A 51 -8.45 18.07 2.81
C CYS A 51 -9.00 18.84 1.64
N LYS A 52 -8.14 19.64 0.99
CA LYS A 52 -8.54 20.44 -0.16
C LYS A 52 -7.62 20.17 -1.34
N ALA A 53 -8.22 19.96 -2.51
CA ALA A 53 -7.44 19.77 -3.73
C ALA A 53 -6.97 21.16 -4.19
N GLY A 54 -5.70 21.23 -4.54
CA GLY A 54 -5.09 22.47 -5.01
C GLY A 54 -5.17 22.57 -6.51
N SER A 55 -5.06 23.78 -7.01
CA SER A 55 -5.13 24.00 -8.42
C SER A 55 -3.89 23.45 -9.07
N PRO A 56 -4.05 22.60 -10.06
CA PRO A 56 -2.91 22.03 -10.76
C PRO A 56 -2.40 22.96 -11.87
N ASP A 57 -3.14 24.00 -12.19
CA ASP A 57 -2.77 24.87 -13.29
C ASP A 57 -2.93 26.36 -13.12
N ASP A 58 -3.05 26.84 -11.90
CA ASP A 58 -3.22 28.25 -11.71
C ASP A 58 -1.96 29.01 -12.06
N VAL A 59 -2.15 30.12 -12.76
CA VAL A 59 -1.08 30.98 -13.19
C VAL A 59 -1.14 32.38 -12.57
N SER A 60 -1.99 32.56 -11.57
CA SER A 60 -2.09 33.82 -10.86
C SER A 60 -1.00 34.00 -9.81
N GLU A 61 -0.91 35.20 -9.25
CA GLU A 61 0.06 35.48 -8.19
C GLU A 61 -0.50 35.11 -6.79
N VAL A 62 -1.74 34.60 -6.74
CA VAL A 62 -2.40 34.19 -5.51
C VAL A 62 -1.83 32.85 -5.06
N VAL A 63 -1.43 32.79 -3.78
CA VAL A 63 -0.91 31.56 -3.19
C VAL A 63 -2.09 30.64 -2.80
N ASN A 64 -1.85 29.32 -2.81
CA ASN A 64 -2.78 28.27 -2.38
C ASN A 64 -4.13 28.21 -3.12
N VAL A 65 -4.17 28.52 -4.43
CA VAL A 65 -5.41 28.45 -5.21
C VAL A 65 -5.95 27.02 -5.20
N ALA A 66 -7.25 26.85 -4.92
CA ALA A 66 -7.90 25.54 -4.84
C ALA A 66 -8.52 25.16 -6.16
N LEU A 67 -8.66 23.83 -6.37
CA LEU A 67 -9.33 23.29 -7.55
C LEU A 67 -10.75 22.97 -7.14
N SER A 68 -11.73 23.63 -7.75
CA SER A 68 -13.12 23.37 -7.43
C SER A 68 -13.59 22.11 -8.19
N GLY A 69 -14.69 21.53 -7.75
CA GLY A 69 -15.28 20.33 -8.35
C GLY A 69 -14.68 19.02 -7.86
N VAL A 70 -14.03 19.06 -6.68
CA VAL A 70 -13.45 17.88 -6.07
C VAL A 70 -14.25 17.59 -4.80
N ILE A 71 -14.98 16.46 -4.79
CA ILE A 71 -15.75 16.07 -3.63
C ILE A 71 -15.09 14.81 -3.10
N ILE A 72 -14.64 14.87 -1.85
CA ILE A 72 -14.01 13.74 -1.19
C ILE A 72 -15.11 12.98 -0.46
N ARG A 73 -15.30 11.71 -0.83
CA ARG A 73 -16.35 10.91 -0.20
C ARG A 73 -15.75 9.71 0.52
N PRO A 74 -16.14 9.49 1.81
CA PRO A 74 -15.63 8.29 2.49
C PRO A 74 -16.25 7.06 1.86
N VAL A 75 -15.44 6.02 1.69
CA VAL A 75 -15.88 4.77 1.07
C VAL A 75 -15.60 3.61 2.03
N THR A 76 -16.37 2.53 1.90
CA THR A 76 -16.18 1.34 2.72
C THR A 76 -14.88 0.62 2.31
N HIS A 77 -14.60 0.62 0.98
CA HIS A 77 -13.42 -0.01 0.38
C HIS A 77 -13.19 0.49 -1.04
N VAL A 78 -11.93 0.37 -1.49
CA VAL A 78 -11.50 0.70 -2.84
C VAL A 78 -11.86 -0.54 -3.68
N PRO A 79 -12.55 -0.37 -4.84
CA PRO A 79 -12.97 -1.53 -5.64
C PRO A 79 -11.84 -2.14 -6.48
N ALA A 80 -10.75 -2.54 -5.80
CA ALA A 80 -9.56 -3.14 -6.40
C ALA A 80 -8.66 -3.71 -5.32
N ALA A 81 -7.76 -4.63 -5.71
CA ALA A 81 -6.80 -5.27 -4.80
C ALA A 81 -5.66 -4.33 -4.51
N ILE A 82 -5.65 -3.80 -3.27
CA ILE A 82 -4.64 -2.86 -2.79
C ILE A 82 -4.11 -3.29 -1.40
N PRO A 83 -2.90 -2.83 -1.00
CA PRO A 83 -2.38 -3.19 0.33
C PRO A 83 -3.35 -2.82 1.44
N LEU A 84 -3.62 -3.80 2.33
CA LEU A 84 -4.57 -3.65 3.44
C LEU A 84 -3.98 -2.89 4.59
N ARG A 85 -4.79 -2.05 5.22
CA ARG A 85 -4.42 -1.27 6.39
C ARG A 85 -5.63 -1.20 7.28
N LEU A 86 -5.56 -1.90 8.41
CA LEU A 86 -6.63 -1.94 9.41
C LEU A 86 -7.03 -0.55 9.88
N GLU A 87 -6.06 0.33 10.14
CA GLU A 87 -6.25 1.67 10.66
C GLU A 87 -6.48 2.79 9.62
N ASN A 88 -6.39 2.47 8.33
CA ASN A 88 -6.59 3.45 7.28
C ASN A 88 -8.04 3.72 6.94
N GLN A 89 -8.27 4.93 6.43
CA GLN A 89 -9.58 5.37 5.98
C GLN A 89 -9.45 5.65 4.49
N TYR A 90 -10.44 5.21 3.72
CA TYR A 90 -10.44 5.36 2.27
C TYR A 90 -11.46 6.34 1.79
N PHE A 91 -11.10 7.11 0.76
CA PHE A 91 -11.96 8.13 0.21
C PHE A 91 -11.88 8.17 -1.30
N ALA A 92 -13.02 8.34 -1.94
CA ALA A 92 -13.05 8.49 -3.38
C ALA A 92 -12.99 9.95 -3.73
N LEU A 93 -12.33 10.26 -4.85
CA LEU A 93 -12.33 11.62 -5.36
C LEU A 93 -13.44 11.67 -6.42
N ASP A 94 -14.53 12.36 -6.09
CA ASP A 94 -15.66 12.53 -6.99
C ASP A 94 -15.32 13.82 -7.75
N LEU A 95 -14.75 13.65 -8.95
CA LEU A 95 -14.32 14.77 -9.77
C LEU A 95 -15.33 15.22 -10.80
N SER A 96 -15.46 16.54 -10.95
CA SER A 96 -16.29 17.16 -11.99
C SER A 96 -15.52 16.97 -13.31
N THR A 97 -16.18 17.23 -14.45
CA THR A 97 -15.55 17.12 -15.77
C THR A 97 -14.33 18.05 -15.84
N ASP A 98 -14.50 19.31 -15.40
CA ASP A 98 -13.45 20.33 -15.40
C ASP A 98 -12.29 19.99 -14.48
N ALA A 99 -12.57 19.47 -13.28
CA ALA A 99 -11.53 19.09 -12.31
C ALA A 99 -10.61 18.01 -12.82
N ALA A 100 -11.19 16.90 -13.35
CA ALA A 100 -10.46 15.76 -13.90
C ALA A 100 -9.59 16.21 -15.07
N ARG A 101 -10.16 17.00 -15.99
CA ARG A 101 -9.45 17.54 -17.14
C ARG A 101 -8.30 18.43 -16.70
N ALA A 102 -8.52 19.34 -15.72
CA ALA A 102 -7.49 20.26 -15.22
C ALA A 102 -6.28 19.54 -14.67
N MET A 103 -6.49 18.46 -13.89
CA MET A 103 -5.39 17.66 -13.31
C MET A 103 -4.65 16.85 -14.37
N LEU A 104 -5.39 16.16 -15.25
CA LEU A 104 -4.81 15.34 -16.30
C LEU A 104 -4.03 16.17 -17.33
N ASP A 105 -4.57 17.35 -17.72
CA ASP A 105 -3.90 18.25 -18.66
C ASP A 105 -2.63 18.85 -18.08
N ALA A 106 -2.64 19.17 -16.77
CA ALA A 106 -1.49 19.75 -16.08
C ALA A 106 -0.45 18.67 -15.77
N GLY A 107 -0.90 17.41 -15.77
CA GLY A 107 -0.07 16.26 -15.45
C GLY A 107 0.32 16.20 -13.99
N ARG A 108 -0.57 16.76 -13.12
CA ARG A 108 -0.31 16.91 -11.71
C ARG A 108 -1.56 17.07 -10.85
N CYS A 109 -1.42 16.68 -9.58
CA CYS A 109 -2.49 16.90 -8.61
C CYS A 109 -1.84 17.28 -7.27
N THR A 110 -2.53 18.10 -6.49
CA THR A 110 -2.03 18.53 -5.19
C THR A 110 -3.12 18.48 -4.16
N PHE A 111 -2.75 18.17 -2.91
CA PHE A 111 -3.71 18.10 -1.81
C PHE A 111 -3.14 18.80 -0.61
N TYR A 112 -3.98 19.59 0.03
CA TYR A 112 -3.65 20.30 1.23
C TYR A 112 -4.23 19.52 2.38
N THR A 113 -3.39 19.25 3.38
CA THR A 113 -3.83 18.59 4.60
C THR A 113 -3.42 19.49 5.76
N PRO A 114 -4.39 20.13 6.46
CA PRO A 114 -4.01 21.03 7.57
C PRO A 114 -3.38 20.27 8.72
N ALA A 115 -2.61 20.98 9.55
CA ALA A 115 -1.93 20.43 10.73
C ALA A 115 -2.90 19.83 11.76
N SER A 116 -4.18 20.26 11.74
CA SER A 116 -5.23 19.75 12.63
C SER A 116 -5.50 18.26 12.41
N LEU A 117 -5.20 17.75 11.20
CA LEU A 117 -5.35 16.35 10.86
C LEU A 117 -4.33 15.51 11.58
N GLY A 118 -3.32 16.13 12.19
CA GLY A 118 -2.27 15.44 12.92
C GLY A 118 -1.18 14.92 12.03
N ASP A 119 -0.58 13.81 12.45
N ASP A 119 -0.68 13.80 12.46
CA ASP A 119 0.49 13.13 11.73
CA ASP A 119 0.39 13.13 11.74
C ASP A 119 -0.13 12.37 10.57
C ASP A 119 -0.23 12.36 10.57
N VAL A 120 -0.58 13.08 9.51
N VAL A 120 -0.68 13.08 9.52
CA VAL A 120 -1.28 12.49 8.38
CA VAL A 120 -1.38 12.48 8.38
C VAL A 120 -0.32 11.92 7.30
C VAL A 120 -0.42 11.91 7.30
N LYS A 121 -0.73 10.78 6.73
CA LYS A 121 -0.04 10.15 5.60
C LYS A 121 -1.08 9.77 4.57
N LEU A 122 -0.83 10.20 3.33
CA LEU A 122 -1.69 9.99 2.17
C LEU A 122 -1.05 9.10 1.12
N GLU A 123 -1.86 8.27 0.49
CA GLU A 123 -1.46 7.47 -0.66
C GLU A 123 -2.58 7.62 -1.70
N LEU A 124 -2.22 7.83 -2.99
CA LEU A 124 -3.20 8.02 -4.05
C LEU A 124 -3.11 6.85 -5.01
N PHE A 125 -4.28 6.25 -5.30
CA PHE A 125 -4.47 5.12 -6.22
C PHE A 125 -5.47 5.53 -7.30
N ALA A 126 -5.23 5.07 -8.54
CA ALA A 126 -6.15 5.24 -9.65
C ALA A 126 -6.54 3.86 -10.13
N VAL A 127 -7.80 3.66 -10.36
CA VAL A 127 -8.29 2.41 -10.87
C VAL A 127 -8.64 2.68 -12.30
N LEU A 128 -7.99 1.97 -13.21
CA LEU A 128 -8.26 2.17 -14.61
C LEU A 128 -9.60 1.59 -15.04
N ARG A 129 -10.33 2.36 -15.83
CA ARG A 129 -11.62 1.92 -16.32
C ARG A 129 -11.47 1.05 -17.54
N THR A 130 -12.27 0.00 -17.60
CA THR A 130 -12.36 -0.98 -18.70
C THR A 130 -11.16 -1.15 -19.67
N ARG B 2 -7.00 -13.45 -9.33
CA ARG B 2 -7.40 -12.74 -8.11
C ARG B 2 -6.25 -12.62 -7.10
N VAL B 3 -6.10 -11.42 -6.55
CA VAL B 3 -5.08 -11.08 -5.59
C VAL B 3 -5.70 -10.85 -4.22
N VAL B 4 -5.05 -11.43 -3.21
CA VAL B 4 -5.43 -11.32 -1.81
C VAL B 4 -4.28 -10.62 -1.09
N PHE B 5 -4.48 -9.40 -0.63
CA PHE B 5 -3.43 -8.72 0.14
C PHE B 5 -3.56 -9.15 1.58
N ILE B 6 -2.44 -9.29 2.24
CA ILE B 6 -2.39 -9.67 3.64
C ILE B 6 -1.58 -8.61 4.41
N GLU B 7 -2.24 -7.84 5.27
CA GLU B 7 -1.54 -6.83 6.03
C GLU B 7 -0.60 -7.49 7.02
N LEU B 8 0.61 -6.98 7.06
CA LEU B 8 1.62 -7.43 7.98
C LEU B 8 1.89 -6.34 8.99
N LYS B 9 1.74 -6.67 10.25
CA LYS B 9 1.99 -5.76 11.34
C LYS B 9 3.30 -6.04 12.06
N GLN B 10 4.09 -5.02 12.21
CA GLN B 10 5.37 -5.15 12.82
C GLN B 10 5.34 -5.02 14.33
N LYS B 11 6.03 -5.91 14.99
CA LYS B 11 6.14 -5.87 16.42
C LYS B 11 7.60 -6.14 16.68
N GLY B 12 8.37 -5.09 16.78
CA GLY B 12 9.79 -5.21 16.94
C GLY B 12 10.40 -5.74 15.70
N VAL B 13 11.03 -6.89 15.76
CA VAL B 13 11.63 -7.44 14.55
C VAL B 13 10.73 -8.43 13.85
N MET B 14 9.56 -8.69 14.40
CA MET B 14 8.65 -9.63 13.81
C MET B 14 7.46 -8.97 13.10
N TRP B 15 7.06 -9.55 12.00
CA TRP B 15 5.95 -9.10 11.21
C TRP B 15 4.94 -10.24 11.21
N GLU B 16 3.68 -9.94 11.48
CA GLU B 16 2.67 -10.95 11.54
C GLU B 16 1.48 -10.61 10.66
N GLY B 17 1.00 -11.60 9.95
CA GLY B 17 -0.15 -11.49 9.08
C GLY B 17 -1.19 -12.53 9.39
N ALA B 18 -2.46 -12.14 9.29
CA ALA B 18 -3.59 -13.04 9.51
C ALA B 18 -3.97 -13.68 8.18
N LEU B 19 -4.18 -15.01 8.18
CA LEU B 19 -4.52 -15.74 6.96
C LEU B 19 -5.92 -16.35 7.02
N HIS B 20 -6.92 -15.54 7.39
CA HIS B 20 -8.29 -16.03 7.51
C HIS B 20 -9.11 -15.90 6.22
N ASP B 21 -8.56 -15.28 5.15
CA ASP B 21 -9.29 -15.20 3.90
C ASP B 21 -9.52 -16.61 3.36
N ALA B 22 -10.80 -17.01 3.25
CA ALA B 22 -11.26 -18.33 2.78
C ALA B 22 -10.67 -18.75 1.42
N ARG B 23 -10.38 -17.79 0.55
CA ARG B 23 -9.82 -18.02 -0.77
C ARG B 23 -8.39 -18.61 -0.77
N LEU B 24 -7.62 -18.37 0.30
CA LEU B 24 -6.24 -18.84 0.42
C LEU B 24 -6.10 -20.36 0.44
N ARG B 25 -7.12 -21.06 1.02
CA ARG B 25 -7.12 -22.52 1.10
C ARG B 25 -7.40 -23.20 -0.24
N GLU B 26 -7.83 -22.43 -1.27
CA GLU B 26 -8.16 -22.92 -2.59
C GLU B 26 -6.98 -22.97 -3.58
N GLY B 27 -5.77 -22.63 -3.10
CA GLY B 27 -4.56 -22.67 -3.91
C GLY B 27 -4.01 -21.30 -4.18
N ALA B 28 -2.78 -21.02 -3.72
CA ALA B 28 -2.20 -19.72 -3.89
C ALA B 28 -0.66 -19.72 -3.85
N ASP B 29 -0.08 -18.71 -4.49
CA ASP B 29 1.35 -18.44 -4.46
C ASP B 29 1.49 -17.08 -3.80
N PHE B 30 2.51 -16.94 -2.96
CA PHE B 30 2.74 -15.74 -2.18
C PHE B 30 3.95 -14.94 -2.61
N TRP B 31 3.85 -13.64 -2.46
CA TRP B 31 4.95 -12.73 -2.72
C TRP B 31 5.04 -11.72 -1.59
N LEU B 32 6.25 -11.28 -1.35
CA LEU B 32 6.51 -10.25 -0.40
C LEU B 32 6.87 -8.99 -1.19
N SER B 33 6.35 -7.87 -0.74
CA SER B 33 6.65 -6.58 -1.29
C SER B 33 7.42 -5.85 -0.22
N VAL B 34 8.62 -5.38 -0.54
CA VAL B 34 9.50 -4.75 0.43
C VAL B 34 10.00 -3.36 0.07
N ARG B 35 9.93 -2.46 1.04
CA ARG B 35 10.41 -1.09 0.92
C ARG B 35 11.44 -0.92 2.01
N SER B 36 12.57 -0.31 1.71
CA SER B 36 13.61 -0.12 2.71
C SER B 36 14.46 1.09 2.39
N SER B 37 15.19 1.59 3.42
CA SER B 37 16.14 2.70 3.25
C SER B 37 17.42 2.16 2.56
N MET B 38 17.59 0.83 2.56
CA MET B 38 18.68 0.10 1.94
C MET B 38 18.62 0.27 0.42
N PRO B 39 19.78 0.48 -0.27
CA PRO B 39 19.77 0.59 -1.75
C PRO B 39 19.10 -0.63 -2.38
N GLY B 40 18.34 -0.40 -3.44
CA GLY B 40 17.58 -1.40 -4.16
C GLY B 40 18.30 -2.70 -4.50
N HIS B 41 19.50 -2.59 -5.09
CA HIS B 41 20.32 -3.74 -5.48
C HIS B 41 20.79 -4.55 -4.27
N GLU B 42 21.05 -3.84 -3.17
CA GLU B 42 21.51 -4.44 -1.92
C GLU B 42 20.37 -5.18 -1.25
N LEU B 43 19.16 -4.60 -1.25
CA LEU B 43 17.97 -5.23 -0.68
C LEU B 43 17.65 -6.49 -1.44
N GLN B 44 17.74 -6.45 -2.78
CA GLN B 44 17.49 -7.58 -3.64
C GLN B 44 18.44 -8.79 -3.32
N THR B 45 19.74 -8.58 -3.05
CA THR B 45 20.64 -9.71 -2.73
C THR B 45 20.57 -10.14 -1.27
N LYS B 46 20.43 -9.16 -0.35
CA LYS B 46 20.45 -9.44 1.07
C LYS B 46 19.14 -9.88 1.69
N PHE B 47 18.01 -9.31 1.26
CA PHE B 47 16.70 -9.67 1.84
C PHE B 47 16.43 -11.19 1.86
N PRO B 48 16.70 -11.97 0.79
CA PRO B 48 16.45 -13.43 0.85
C PRO B 48 17.24 -14.18 1.93
N GLN B 49 18.36 -13.59 2.39
CA GLN B 49 19.19 -14.21 3.43
C GLN B 49 18.89 -13.66 4.82
N LEU B 50 18.41 -12.40 4.89
CA LEU B 50 18.12 -11.72 6.14
C LEU B 50 16.73 -12.06 6.68
N CYS B 51 15.71 -12.06 5.81
CA CYS B 51 14.34 -12.34 6.21
C CYS B 51 14.14 -13.83 6.43
N LYS B 52 13.55 -14.19 7.59
CA LYS B 52 13.29 -15.58 7.94
C LYS B 52 11.85 -15.80 8.36
N ALA B 53 11.21 -16.84 7.81
CA ALA B 53 9.84 -17.18 8.18
C ALA B 53 9.83 -17.89 9.52
N GLY B 54 8.92 -17.49 10.40
CA GLY B 54 8.80 -18.10 11.72
C GLY B 54 7.77 -19.20 11.76
N SER B 55 7.83 -20.05 12.80
CA SER B 55 6.84 -21.12 13.04
C SER B 55 6.06 -20.67 14.31
N PRO B 56 5.01 -19.81 14.17
CA PRO B 56 4.31 -19.31 15.37
C PRO B 56 3.66 -20.35 16.26
N ASP B 57 3.31 -21.52 15.71
CA ASP B 57 2.64 -22.57 16.47
C ASP B 57 3.58 -23.74 16.89
N ASP B 58 4.94 -23.61 16.74
CA ASP B 58 5.91 -24.64 17.21
C ASP B 58 5.57 -24.88 18.68
N VAL B 59 5.64 -26.14 19.13
CA VAL B 59 5.22 -26.53 20.49
C VAL B 59 6.37 -26.74 21.50
N SER B 60 7.64 -26.62 21.04
CA SER B 60 8.82 -26.77 21.90
C SER B 60 8.99 -25.54 22.82
N GLU B 61 9.94 -25.62 23.79
CA GLU B 61 10.24 -24.53 24.70
C GLU B 61 11.28 -23.56 24.11
N VAL B 62 11.75 -23.83 22.88
CA VAL B 62 12.72 -22.99 22.19
C VAL B 62 11.99 -21.77 21.62
N VAL B 63 12.55 -20.49 21.89
CA VAL B 63 11.93 -19.29 21.38
C VAL B 63 12.30 -19.09 19.89
N ASN B 64 11.54 -18.49 19.11
CA ASN B 64 11.80 -18.06 17.73
C ASN B 64 12.15 -19.18 16.73
N VAL B 65 11.49 -20.35 16.85
CA VAL B 65 11.68 -21.47 15.93
C VAL B 65 11.24 -21.03 14.51
N ALA B 66 12.08 -21.35 13.53
CA ALA B 66 11.85 -21.00 12.13
C ALA B 66 11.03 -22.05 11.39
N LEU B 67 10.33 -21.63 10.35
CA LEU B 67 9.54 -22.53 9.50
C LEU B 67 10.43 -22.93 8.33
N SER B 68 10.70 -24.24 8.21
CA SER B 68 11.51 -24.77 7.12
C SER B 68 10.69 -24.85 5.82
N GLY B 69 11.38 -24.92 4.69
CA GLY B 69 10.75 -25.04 3.37
C GLY B 69 10.33 -23.73 2.76
N VAL B 70 10.93 -22.60 3.22
CA VAL B 70 10.62 -21.26 2.73
C VAL B 70 11.86 -20.70 2.03
N ILE B 71 11.79 -20.49 0.72
CA ILE B 71 12.90 -19.91 -0.04
C ILE B 71 12.42 -18.59 -0.60
N ILE B 72 13.12 -17.51 -0.26
CA ILE B 72 12.74 -16.18 -0.75
C ILE B 72 13.54 -15.90 -2.04
N ARG B 73 12.85 -15.66 -3.16
CA ARG B 73 13.51 -15.40 -4.43
C ARG B 73 13.18 -14.03 -4.98
N PRO B 74 14.18 -13.23 -5.40
CA PRO B 74 13.86 -11.92 -5.99
C PRO B 74 13.23 -12.10 -7.36
N VAL B 75 12.20 -11.31 -7.66
CA VAL B 75 11.51 -11.36 -8.94
C VAL B 75 11.52 -10.01 -9.62
N THR B 76 11.49 -9.98 -10.96
CA THR B 76 11.46 -8.75 -11.74
C THR B 76 10.11 -8.07 -11.55
N HIS B 77 9.05 -8.89 -11.53
CA HIS B 77 7.67 -8.44 -11.37
C HIS B 77 6.77 -9.59 -11.00
N VAL B 78 5.53 -9.26 -10.64
CA VAL B 78 4.60 -10.31 -10.30
C VAL B 78 3.52 -10.47 -11.43
N PRO B 79 3.07 -11.73 -11.60
CA PRO B 79 2.06 -12.07 -12.63
C PRO B 79 0.75 -11.27 -12.62
N ALA B 80 0.25 -10.92 -11.42
CA ALA B 80 -1.03 -10.27 -11.27
C ALA B 80 -1.02 -8.74 -11.33
N ALA B 81 -2.24 -8.16 -11.36
CA ALA B 81 -2.53 -6.74 -11.39
C ALA B 81 -2.40 -6.21 -9.97
N ILE B 82 -1.23 -5.62 -9.69
CA ILE B 82 -0.86 -5.09 -8.37
C ILE B 82 -0.49 -3.61 -8.52
N PRO B 83 -0.93 -2.74 -7.57
CA PRO B 83 -0.50 -1.34 -7.62
C PRO B 83 1.01 -1.30 -7.33
N LEU B 84 1.82 -0.99 -8.35
CA LEU B 84 3.27 -0.99 -8.18
C LEU B 84 3.82 0.29 -7.62
N ARG B 85 4.59 0.17 -6.55
CA ARG B 85 5.25 1.30 -5.95
C ARG B 85 6.66 1.30 -6.50
N LEU B 86 7.09 2.48 -6.91
CA LEU B 86 8.40 2.78 -7.46
C LEU B 86 9.54 2.25 -6.58
N GLU B 87 9.39 2.40 -5.26
CA GLU B 87 10.42 2.05 -4.29
C GLU B 87 10.45 0.60 -3.84
N ASN B 88 9.48 -0.20 -4.28
CA ASN B 88 9.43 -1.58 -3.80
C ASN B 88 10.23 -2.60 -4.60
N GLN B 89 10.72 -3.62 -3.87
CA GLN B 89 11.41 -4.80 -4.37
C GLN B 89 10.46 -5.96 -4.10
N TYR B 90 10.31 -6.87 -5.07
CA TYR B 90 9.41 -7.99 -4.96
C TYR B 90 10.12 -9.30 -4.86
N PHE B 91 9.57 -10.19 -4.04
CA PHE B 91 10.14 -11.51 -3.79
C PHE B 91 9.06 -12.55 -3.75
N ALA B 92 9.32 -13.67 -4.39
CA ALA B 92 8.40 -14.79 -4.34
C ALA B 92 8.75 -15.66 -3.15
N LEU B 93 7.73 -16.23 -2.51
CA LEU B 93 7.94 -17.16 -1.42
C LEU B 93 7.84 -18.52 -2.08
N ASP B 94 8.96 -19.21 -2.25
CA ASP B 94 9.00 -20.53 -2.83
C ASP B 94 8.76 -21.47 -1.66
N LEU B 95 7.49 -21.83 -1.45
CA LEU B 95 7.07 -22.65 -0.34
C LEU B 95 6.96 -24.12 -0.68
N SER B 96 7.34 -24.94 0.30
CA SER B 96 7.17 -26.38 0.22
C SER B 96 5.68 -26.64 0.51
N THR B 97 5.18 -27.83 0.21
CA THR B 97 3.78 -28.19 0.47
C THR B 97 3.48 -28.04 1.98
N ASP B 98 4.39 -28.56 2.82
CA ASP B 98 4.28 -28.51 4.29
C ASP B 98 4.31 -27.10 4.87
N ALA B 99 5.17 -26.21 4.33
CA ALA B 99 5.28 -24.81 4.77
C ALA B 99 3.95 -24.04 4.55
N ALA B 100 3.37 -24.13 3.33
CA ALA B 100 2.09 -23.47 3.00
C ALA B 100 0.97 -24.00 3.91
N ARG B 101 0.87 -25.33 4.09
CA ARG B 101 -0.10 -25.98 4.98
C ARG B 101 0.04 -25.51 6.44
N ALA B 102 1.30 -25.43 6.94
CA ALA B 102 1.57 -24.97 8.29
C ALA B 102 1.07 -23.54 8.55
N MET B 103 1.23 -22.67 7.58
CA MET B 103 0.76 -21.31 7.67
C MET B 103 -0.76 -21.19 7.62
N LEU B 104 -1.35 -21.82 6.63
CA LEU B 104 -2.79 -21.82 6.43
C LEU B 104 -3.56 -22.46 7.58
N ASP B 105 -3.04 -23.57 8.15
CA ASP B 105 -3.64 -24.25 9.30
C ASP B 105 -3.55 -23.41 10.57
N ALA B 106 -2.46 -22.65 10.73
CA ALA B 106 -2.28 -21.76 11.87
C ALA B 106 -3.12 -20.48 11.72
N GLY B 107 -3.49 -20.17 10.47
CA GLY B 107 -4.30 -19.00 10.12
C GLY B 107 -3.53 -17.70 10.27
N ARG B 108 -2.18 -17.81 10.24
CA ARG B 108 -1.29 -16.67 10.36
C ARG B 108 0.11 -17.07 9.95
N CYS B 109 0.92 -16.07 9.62
CA CYS B 109 2.29 -16.18 9.19
C CYS B 109 3.13 -15.12 9.89
N THR B 110 4.41 -15.43 10.10
CA THR B 110 5.34 -14.51 10.75
C THR B 110 6.65 -14.44 9.97
N PHE B 111 7.25 -13.26 9.95
CA PHE B 111 8.53 -13.02 9.29
C PHE B 111 9.43 -12.20 10.19
N TYR B 112 10.68 -12.60 10.27
CA TYR B 112 11.70 -11.90 11.03
C TYR B 112 12.47 -11.03 10.05
N THR B 113 12.64 -9.76 10.40
CA THR B 113 13.45 -8.83 9.61
C THR B 113 14.43 -8.21 10.58
N PRO B 114 15.73 -8.41 10.40
CA PRO B 114 16.66 -7.83 11.36
C PRO B 114 16.73 -6.34 11.25
N ALA B 115 17.35 -5.71 12.22
CA ALA B 115 17.46 -4.27 12.25
C ALA B 115 18.35 -3.66 11.18
N SER B 116 19.22 -4.46 10.59
CA SER B 116 20.14 -4.12 9.51
C SER B 116 19.42 -3.81 8.24
N LEU B 117 18.23 -4.39 8.06
CA LEU B 117 17.41 -4.10 6.94
C LEU B 117 16.97 -2.64 6.99
N GLY B 118 16.80 -2.04 8.16
CA GLY B 118 16.50 -0.63 8.29
C GLY B 118 15.06 -0.42 8.59
N ASP B 119 14.48 0.67 8.10
CA ASP B 119 13.04 0.86 8.28
C ASP B 119 12.24 0.17 7.18
N VAL B 120 12.32 -1.11 7.18
CA VAL B 120 11.67 -1.88 6.18
C VAL B 120 10.16 -1.91 6.35
N LYS B 121 9.46 -2.02 5.25
CA LYS B 121 8.02 -2.16 5.27
C LYS B 121 7.70 -3.35 4.40
N LEU B 122 7.03 -4.32 4.96
CA LEU B 122 6.66 -5.49 4.26
C LEU B 122 5.20 -5.58 4.02
N GLU B 123 4.85 -6.04 2.86
CA GLU B 123 3.47 -6.34 2.48
C GLU B 123 3.53 -7.75 1.93
N LEU B 124 2.46 -8.48 2.14
CA LEU B 124 2.32 -9.83 1.65
C LEU B 124 1.10 -9.93 0.77
N PHE B 125 1.21 -10.72 -0.29
CA PHE B 125 0.06 -10.92 -1.13
C PHE B 125 0.08 -12.25 -1.75
N ALA B 126 -1.13 -12.73 -2.05
CA ALA B 126 -1.30 -14.02 -2.62
C ALA B 126 -2.03 -13.91 -3.93
N VAL B 127 -1.58 -14.66 -4.93
CA VAL B 127 -2.23 -14.73 -6.23
C VAL B 127 -2.90 -16.10 -6.28
N LEU B 128 -4.21 -16.11 -6.38
CA LEU B 128 -4.97 -17.36 -6.38
C LEU B 128 -4.78 -18.12 -7.68
N ARG B 129 -4.43 -19.41 -7.54
CA ARG B 129 -4.17 -20.32 -8.66
C ARG B 129 -5.43 -21.02 -9.14
#